data_6J6F
#
_entry.id   6J6F
#
_cell.length_a   146.393
_cell.length_b   146.393
_cell.length_c   148.611
_cell.angle_alpha   90.000
_cell.angle_beta   90.000
_cell.angle_gamma   90.000
#
_symmetry.space_group_name_H-M   'P 41 21 2'
#
loop_
_entity.id
_entity.type
_entity.pdbx_description
1 polymer 'Envelope glycoprotein'
2 non-polymer 'NICKEL (II) ION'
#
_entity_poly.entity_id   1
_entity_poly.type   'polypeptide(L)'
_entity_poly.pdbx_seq_one_letter_code
;QRDVNVFKKVLENIGNAVTQFNNDILAYTGGDANHLIHDGDAIIKATENGLQELGPQPPLSLTEALALVGPVQGVNKLIM
KTVDHLIEKKGPLVGGGYGPQVKASLQKQAHAAVTLSELVSSKVPSPLAPISKQLSDQVAQALQKGIEAFSISARQATKV
KRDISAFQKVIQDISLAVNKFNVDIERYVGGDASHLLADGNVLIKATLDGVQSLQNEPPLSSMEALALVGPVQDLSNQIL
LAIQNLIDKKEPLVQAGFGGKVENNLRQQEEAAQKLSELVSTKVPHELADISRQLSDGIAAGIKKGIDAFAGT
;
_entity_poly.pdbx_strand_id   A,B
#
# COMPACT_ATOMS: atom_id res chain seq x y z
N GLN A 1 48.44 -8.84 5.98
CA GLN A 1 48.53 -10.33 6.02
C GLN A 1 47.15 -10.97 6.24
N ARG A 2 47.12 -12.30 6.17
CA ARG A 2 45.87 -13.06 6.31
C ARG A 2 45.34 -13.04 7.75
N ASP A 3 46.25 -12.88 8.71
CA ASP A 3 45.90 -12.85 10.12
C ASP A 3 44.91 -11.73 10.47
N VAL A 4 45.11 -10.58 9.84
CA VAL A 4 44.22 -9.42 10.05
C VAL A 4 42.94 -9.54 9.22
N ASN A 5 43.04 -10.13 8.04
CA ASN A 5 41.94 -10.14 7.09
C ASN A 5 40.82 -11.14 7.42
N VAL A 6 40.81 -11.68 8.64
CA VAL A 6 39.73 -12.55 9.10
C VAL A 6 38.77 -11.81 10.02
N PHE A 7 39.36 -11.08 10.95
CA PHE A 7 38.61 -10.14 11.83
C PHE A 7 37.85 -9.13 10.98
N LYS A 8 38.54 -8.59 9.99
CA LYS A 8 37.99 -7.62 9.06
C LYS A 8 36.76 -8.20 8.36
N LYS A 9 36.94 -9.42 7.88
CA LYS A 9 35.88 -10.16 7.17
C LYS A 9 34.66 -10.30 8.06
N VAL A 10 34.92 -10.69 9.30
CA VAL A 10 33.87 -10.89 10.31
C VAL A 10 33.09 -9.60 10.51
N LEU A 11 33.85 -8.51 10.63
CA LEU A 11 33.29 -7.17 10.83
C LEU A 11 32.37 -6.81 9.67
N GLU A 12 32.86 -7.08 8.47
CA GLU A 12 32.12 -6.81 7.23
C GLU A 12 30.80 -7.56 7.23
N ASN A 13 30.88 -8.83 7.60
CA ASN A 13 29.72 -9.71 7.68
C ASN A 13 28.67 -9.13 8.63
N ILE A 14 29.17 -8.71 9.79
CA ILE A 14 28.34 -8.12 10.83
C ILE A 14 27.61 -6.89 10.31
N GLY A 15 28.38 -6.06 9.61
CA GLY A 15 27.87 -4.82 9.01
C GLY A 15 26.75 -5.13 8.04
N ASN A 16 26.99 -6.13 7.21
CA ASN A 16 26.03 -6.59 6.20
C ASN A 16 24.73 -6.99 6.87
N ALA A 17 24.88 -7.78 7.93
CA ALA A 17 23.75 -8.27 8.72
C ALA A 17 22.92 -7.10 9.24
N VAL A 18 23.64 -6.13 9.80
CA VAL A 18 23.05 -4.92 10.36
C VAL A 18 22.24 -4.18 9.30
N THR A 19 22.84 -4.05 8.14
CA THR A 19 22.24 -3.38 6.99
C THR A 19 20.93 -4.06 6.62
N GLN A 20 21.00 -5.38 6.56
CA GLN A 20 19.84 -6.22 6.22
C GLN A 20 18.70 -5.97 7.20
N PHE A 21 19.08 -5.95 8.48
CA PHE A 21 18.14 -5.72 9.58
C PHE A 21 17.45 -4.37 9.40
N ASN A 22 18.26 -3.37 9.10
CA ASN A 22 17.79 -1.99 8.88
C ASN A 22 16.78 -1.96 7.76
N ASN A 23 17.12 -2.64 6.68
CA ASN A 23 16.27 -2.73 5.48
C ASN A 23 14.93 -3.32 5.85
N ASP A 24 14.99 -4.40 6.61
CA ASP A 24 13.79 -5.12 7.07
C ASP A 24 12.89 -4.18 7.87
N ILE A 25 13.53 -3.44 8.77
CA ILE A 25 12.85 -2.48 9.64
C ILE A 25 12.11 -1.44 8.79
N LEU A 26 12.83 -0.94 7.80
CA LEU A 26 12.32 0.07 6.87
C LEU A 26 11.08 -0.45 6.17
N ALA A 27 11.20 -1.69 5.70
CA ALA A 27 10.10 -2.39 5.00
C ALA A 27 8.86 -2.46 5.89
N TYR A 28 9.06 -2.76 7.17
CA TYR A 28 7.97 -3.09 8.09
C TYR A 28 7.01 -1.92 8.35
N THR A 29 5.89 -1.91 7.64
CA THR A 29 4.82 -0.95 7.87
C THR A 29 3.92 -1.38 9.02
N GLY A 30 3.94 -2.68 9.31
CA GLY A 30 3.15 -3.25 10.41
C GLY A 30 2.76 -4.69 10.15
N GLY A 31 1.81 -5.20 10.92
CA GLY A 31 1.29 -6.56 10.73
C GLY A 31 2.16 -7.61 11.38
N ASP A 32 2.53 -8.63 10.60
CA ASP A 32 3.41 -9.69 11.08
C ASP A 32 4.85 -9.21 11.18
N ALA A 33 5.45 -9.37 12.36
CA ALA A 33 6.77 -8.82 12.67
C ALA A 33 7.78 -9.90 13.07
N ASN A 34 7.42 -11.15 12.81
CA ASN A 34 8.25 -12.33 12.97
C ASN A 34 9.59 -12.14 12.25
N HIS A 35 9.49 -11.62 11.04
CA HIS A 35 10.60 -11.50 10.11
C HIS A 35 11.72 -10.70 10.73
N LEU A 36 11.34 -9.57 11.32
CA LEU A 36 12.29 -8.65 11.97
C LEU A 36 13.04 -9.37 13.08
N ILE A 37 12.27 -10.11 13.87
CA ILE A 37 12.80 -10.88 15.00
C ILE A 37 13.83 -11.88 14.51
N HIS A 38 13.46 -12.57 13.44
CA HIS A 38 14.31 -13.58 12.81
C HIS A 38 15.64 -12.96 12.38
N ASP A 39 15.51 -11.80 11.74
CA ASP A 39 16.67 -11.04 11.25
C ASP A 39 17.60 -10.71 12.40
N GLY A 40 17.00 -10.23 13.48
CA GLY A 40 17.73 -9.86 14.70
C GLY A 40 18.51 -11.04 15.23
N ASP A 41 17.82 -12.18 15.28
CA ASP A 41 18.40 -13.44 15.76
C ASP A 41 19.61 -13.81 14.93
N ALA A 42 19.44 -13.70 13.62
CA ALA A 42 20.49 -14.01 12.63
C ALA A 42 21.71 -13.15 12.89
N ILE A 43 21.44 -11.86 13.09
CA ILE A 43 22.49 -10.86 13.36
C ILE A 43 23.28 -11.25 14.60
N ILE A 44 22.53 -11.62 15.64
CA ILE A 44 23.10 -12.02 16.92
C ILE A 44 24.03 -13.21 16.73
N LYS A 45 23.53 -14.18 15.97
CA LYS A 45 24.28 -15.41 15.65
C LYS A 45 25.60 -15.07 14.97
N ALA A 46 25.49 -14.18 14.00
CA ALA A 46 26.65 -13.70 13.22
C ALA A 46 27.68 -13.11 14.14
N THR A 47 27.20 -12.26 15.04
CA THR A 47 28.04 -11.57 16.02
C THR A 47 28.80 -12.58 16.86
N GLU A 48 28.05 -13.58 17.33
CA GLU A 48 28.58 -14.66 18.16
C GLU A 48 29.71 -15.37 17.43
N ASN A 49 29.45 -15.68 16.17
CA ASN A 49 30.38 -16.36 15.29
C ASN A 49 31.67 -15.60 15.17
N GLY A 50 31.67 -14.29 15.46
CA GLY A 50 32.92 -13.53 15.53
C GLY A 50 33.80 -14.01 16.67
N LEU A 51 33.22 -14.05 17.87
CA LEU A 51 33.93 -14.46 19.08
C LEU A 51 34.68 -15.78 18.89
N GLN A 52 34.02 -16.75 18.26
CA GLN A 52 34.60 -18.07 18.01
C GLN A 52 35.84 -18.01 17.11
N GLU A 53 35.88 -17.05 16.18
CA GLU A 53 36.95 -16.95 15.20
C GLU A 53 38.01 -15.92 15.56
N LEU A 54 37.68 -15.01 16.47
CA LEU A 54 38.58 -13.93 16.85
C LEU A 54 39.38 -14.26 18.12
N GLY A 55 38.80 -15.11 18.97
CA GLY A 55 39.50 -15.62 20.16
C GLY A 55 40.95 -16.02 19.94
N PRO A 56 41.23 -16.84 18.92
CA PRO A 56 42.56 -17.40 18.74
C PRO A 56 43.50 -16.51 17.91
N GLN A 57 42.98 -15.37 17.45
CA GLN A 57 43.76 -14.44 16.63
C GLN A 57 44.88 -13.79 17.44
N PRO A 58 46.00 -13.44 16.78
CA PRO A 58 47.19 -12.94 17.46
C PRO A 58 47.06 -11.45 17.83
N PRO A 59 48.02 -10.92 18.62
CA PRO A 59 47.97 -9.50 18.94
C PRO A 59 48.39 -8.65 17.74
N LEU A 60 47.59 -7.62 17.43
CA LEU A 60 47.79 -6.81 16.24
C LEU A 60 49.00 -5.89 16.38
N SER A 61 49.56 -5.49 15.25
CA SER A 61 50.67 -4.52 15.22
C SER A 61 50.17 -3.10 15.41
N LEU A 62 51.09 -2.19 15.72
CA LEU A 62 50.76 -0.77 15.87
C LEU A 62 50.14 -0.21 14.60
N THR A 63 50.77 -0.51 13.46
CA THR A 63 50.33 0.01 12.16
C THR A 63 49.10 -0.73 11.63
N GLU A 64 48.93 -1.99 12.04
CA GLU A 64 47.76 -2.78 11.66
C GLU A 64 46.48 -2.22 12.26
N ALA A 65 46.55 -1.80 13.51
CA ALA A 65 45.40 -1.25 14.24
C ALA A 65 44.74 -0.07 13.53
N LEU A 66 45.57 0.83 12.99
CA LEU A 66 45.08 2.07 12.38
C LEU A 66 44.29 1.83 11.09
N ALA A 67 44.68 0.80 10.34
CA ALA A 67 43.90 0.35 9.19
C ALA A 67 42.53 -0.17 9.64
N LEU A 68 42.46 -0.66 10.88
CA LEU A 68 41.25 -1.30 11.40
C LEU A 68 40.29 -0.31 12.09
N VAL A 69 40.70 0.96 12.15
CA VAL A 69 39.96 2.01 12.83
C VAL A 69 38.70 2.37 12.02
N GLY A 70 38.88 2.48 10.70
CA GLY A 70 37.87 2.94 9.79
C GLY A 70 36.73 1.96 9.69
N PRO A 71 37.07 0.65 9.62
CA PRO A 71 36.06 -0.39 9.42
C PRO A 71 35.11 -0.42 10.61
N VAL A 72 35.69 -0.32 11.79
CA VAL A 72 34.95 -0.41 13.05
C VAL A 72 33.96 0.74 13.11
N GLN A 73 34.46 1.93 12.85
CA GLN A 73 33.68 3.17 12.89
C GLN A 73 32.50 3.07 11.95
N GLY A 74 32.78 2.59 10.74
CA GLY A 74 31.76 2.40 9.70
C GLY A 74 30.65 1.49 10.21
N VAL A 75 31.06 0.39 10.83
CA VAL A 75 30.15 -0.60 11.38
C VAL A 75 29.23 0.06 12.43
N ASN A 76 29.89 0.80 13.30
CA ASN A 76 29.24 1.29 14.53
C ASN A 76 28.12 2.24 14.16
N LYS A 77 28.45 3.13 13.25
CA LYS A 77 27.51 4.15 12.74
C LYS A 77 26.30 3.47 12.15
N LEU A 78 26.56 2.44 11.34
CA LEU A 78 25.51 1.67 10.67
C LEU A 78 24.57 1.07 11.71
N ILE A 79 25.19 0.48 12.73
CA ILE A 79 24.46 -0.17 13.82
C ILE A 79 23.54 0.84 14.51
N MET A 80 24.11 2.01 14.78
CA MET A 80 23.40 3.10 15.43
C MET A 80 22.17 3.49 14.62
N LYS A 81 22.40 3.63 13.31
CA LYS A 81 21.34 4.00 12.36
C LYS A 81 20.22 2.99 12.41
N THR A 82 20.61 1.71 12.40
CA THR A 82 19.66 0.59 12.44
C THR A 82 18.80 0.69 13.69
N VAL A 83 19.48 0.93 14.81
CA VAL A 83 18.84 1.05 16.12
C VAL A 83 17.80 2.17 16.09
N ASP A 84 18.21 3.29 15.53
CA ASP A 84 17.36 4.48 15.40
C ASP A 84 16.10 4.14 14.62
N HIS A 85 16.31 3.44 13.50
CA HIS A 85 15.24 3.03 12.61
C HIS A 85 14.24 2.16 13.35
N LEU A 86 14.79 1.22 14.11
CA LEU A 86 14.00 0.28 14.93
C LEU A 86 13.12 1.06 15.89
N ILE A 87 13.75 2.02 16.56
CA ILE A 87 13.09 2.86 17.55
C ILE A 87 11.92 3.61 16.92
N GLU A 88 12.18 4.16 15.74
CA GLU A 88 11.19 4.90 14.97
C GLU A 88 9.94 4.06 14.72
N LYS A 89 10.13 2.79 14.37
CA LYS A 89 9.03 1.88 14.18
C LYS A 89 8.72 1.11 15.46
N LYS A 90 8.59 1.83 16.58
CA LYS A 90 8.33 1.17 17.85
C LYS A 90 6.85 0.76 17.90
N GLY A 91 6.00 1.72 17.55
CA GLY A 91 4.58 1.66 17.85
C GLY A 91 3.92 0.46 17.23
N PRO A 92 4.14 0.30 15.90
CA PRO A 92 3.37 -0.73 15.14
C PRO A 92 3.70 -2.09 15.66
N LEU A 93 4.99 -2.33 15.90
CA LEU A 93 5.48 -3.61 16.43
C LEU A 93 4.82 -3.91 17.76
N VAL A 94 4.78 -2.90 18.62
CA VAL A 94 4.18 -2.98 19.94
C VAL A 94 2.71 -3.40 19.83
N GLY A 95 2.02 -2.73 18.92
CA GLY A 95 0.60 -2.97 18.64
C GLY A 95 0.39 -4.41 18.24
N GLY A 96 1.25 -4.87 17.33
CA GLY A 96 1.21 -6.24 16.83
C GLY A 96 1.33 -7.24 17.97
N GLY A 97 2.21 -6.93 18.92
CA GLY A 97 2.37 -7.72 20.13
C GLY A 97 3.83 -8.04 20.37
N TYR A 98 4.69 -7.43 19.56
CA TYR A 98 6.05 -7.91 19.37
C TYR A 98 7.08 -7.10 20.17
N GLY A 99 6.65 -6.50 21.27
CA GLY A 99 7.50 -5.59 22.00
C GLY A 99 8.40 -6.36 22.94
N PRO A 100 7.87 -7.47 23.55
CA PRO A 100 8.73 -8.19 24.48
C PRO A 100 9.85 -8.86 23.73
N GLN A 101 9.50 -9.49 22.62
CA GLN A 101 10.45 -10.27 21.81
C GLN A 101 11.59 -9.37 21.34
N VAL A 102 11.20 -8.22 20.84
CA VAL A 102 12.14 -7.21 20.32
C VAL A 102 13.09 -6.79 21.42
N LYS A 103 12.51 -6.53 22.60
CA LYS A 103 13.27 -6.13 23.78
C LYS A 103 14.33 -7.16 24.11
N ALA A 104 13.89 -8.41 24.10
CA ALA A 104 14.75 -9.57 24.39
C ALA A 104 15.93 -9.59 23.41
N SER A 105 15.58 -9.43 22.16
CA SER A 105 16.52 -9.52 21.03
C SER A 105 17.60 -8.48 21.18
N LEU A 106 17.17 -7.26 21.48
CA LEU A 106 18.08 -6.12 21.66
C LEU A 106 19.07 -6.42 22.77
N GLN A 107 18.52 -6.93 23.88
CA GLN A 107 19.31 -7.30 25.05
C GLN A 107 20.39 -8.30 24.69
N LYS A 108 19.96 -9.32 23.94
CA LYS A 108 20.83 -10.40 23.48
C LYS A 108 21.98 -9.82 22.66
N GLN A 109 21.62 -8.92 21.75
CA GLN A 109 22.57 -8.26 20.87
C GLN A 109 23.62 -7.52 21.69
N ALA A 110 23.12 -6.79 22.68
CA ALA A 110 23.96 -6.00 23.59
C ALA A 110 24.96 -6.91 24.28
N HIS A 111 24.44 -8.03 24.77
CA HIS A 111 25.25 -8.98 25.53
C HIS A 111 26.33 -9.55 24.65
N ALA A 112 25.99 -9.85 23.38
CA ALA A 112 26.95 -10.44 22.45
C ALA A 112 27.99 -9.38 22.06
N ALA A 113 27.47 -8.22 21.69
CA ALA A 113 28.27 -7.10 21.21
C ALA A 113 29.29 -6.71 22.27
N VAL A 114 28.84 -6.62 23.50
CA VAL A 114 29.67 -6.27 24.65
C VAL A 114 30.84 -7.26 24.77
N THR A 115 30.49 -8.53 24.67
CA THR A 115 31.45 -9.63 24.77
C THR A 115 32.52 -9.48 23.69
N LEU A 116 32.05 -9.20 22.47
CA LEU A 116 32.91 -9.02 21.31
C LEU A 116 33.89 -7.90 21.56
N SER A 117 33.36 -6.80 22.07
CA SER A 117 34.15 -5.59 22.40
C SER A 117 35.24 -5.94 23.39
N GLU A 118 34.85 -6.68 24.41
CA GLU A 118 35.77 -7.12 25.47
C GLU A 118 36.91 -7.93 24.87
N LEU A 119 36.53 -8.85 24.00
CA LEU A 119 37.47 -9.74 23.31
C LEU A 119 38.49 -8.91 22.53
N VAL A 120 37.97 -7.93 21.80
CA VAL A 120 38.78 -7.17 20.87
C VAL A 120 39.83 -6.29 21.53
N SER A 121 39.53 -5.83 22.75
CA SER A 121 40.46 -5.07 23.57
C SER A 121 41.83 -5.74 23.70
N SER A 122 41.82 -7.04 23.99
CA SER A 122 43.07 -7.78 24.24
C SER A 122 43.84 -8.13 22.96
N LYS A 123 43.16 -8.05 21.82
CA LYS A 123 43.80 -8.28 20.53
C LYS A 123 44.53 -7.04 20.01
N VAL A 124 43.92 -5.87 20.22
CA VAL A 124 44.56 -4.60 19.90
C VAL A 124 45.73 -4.31 20.86
N PRO A 125 46.68 -3.46 20.42
CA PRO A 125 47.71 -3.03 21.36
C PRO A 125 47.16 -1.98 22.34
N SER A 126 47.89 -1.75 23.42
CA SER A 126 47.38 -0.98 24.56
C SER A 126 47.37 0.55 24.42
N PRO A 127 48.00 1.10 23.35
CA PRO A 127 47.94 2.55 23.21
C PRO A 127 46.78 3.02 22.32
N LEU A 128 46.10 2.07 21.67
CA LEU A 128 44.93 2.38 20.83
C LEU A 128 43.65 2.12 21.59
N ALA A 129 43.80 1.51 22.77
CA ALA A 129 42.73 1.09 23.64
C ALA A 129 41.82 2.27 23.93
N PRO A 130 42.36 3.51 24.02
CA PRO A 130 41.44 4.59 24.37
C PRO A 130 40.37 4.74 23.30
N ILE A 131 40.79 4.71 22.06
CA ILE A 131 39.88 4.87 20.92
C ILE A 131 38.84 3.73 20.96
N SER A 132 39.38 2.53 21.13
CA SER A 132 38.60 1.30 20.98
C SER A 132 37.49 1.27 22.01
N LYS A 133 37.86 1.59 23.23
CA LYS A 133 36.93 1.64 24.38
C LYS A 133 35.81 2.61 24.09
N GLN A 134 36.19 3.78 23.60
CA GLN A 134 35.25 4.85 23.25
C GLN A 134 34.23 4.34 22.24
N LEU A 135 34.76 3.68 21.21
CA LEU A 135 33.97 3.11 20.13
C LEU A 135 32.94 2.13 20.68
N SER A 136 33.44 1.27 21.57
CA SER A 136 32.62 0.25 22.22
C SER A 136 31.47 0.89 22.97
N ASP A 137 31.82 1.92 23.72
CA ASP A 137 30.87 2.70 24.53
C ASP A 137 29.77 3.26 23.66
N GLN A 138 30.19 3.83 22.53
CA GLN A 138 29.29 4.43 21.55
C GLN A 138 28.28 3.41 21.08
N VAL A 139 28.76 2.22 20.76
CA VAL A 139 27.87 1.12 20.36
C VAL A 139 26.89 0.69 21.44
N ALA A 140 27.45 0.27 22.57
CA ALA A 140 26.69 -0.35 23.66
C ALA A 140 25.64 0.60 24.17
N GLN A 141 26.05 1.84 24.37
CA GLN A 141 25.16 2.91 24.85
C GLN A 141 23.98 3.08 23.91
N ALA A 142 24.31 3.12 22.62
CA ALA A 142 23.32 3.27 21.55
C ALA A 142 22.29 2.15 21.62
N LEU A 143 22.83 0.94 21.76
CA LEU A 143 22.01 -0.28 21.85
C LEU A 143 21.04 -0.18 23.02
N GLN A 144 21.59 0.24 24.14
CA GLN A 144 20.83 0.40 25.39
C GLN A 144 19.68 1.37 25.18
N LYS A 145 20.00 2.49 24.53
CA LYS A 145 19.04 3.54 24.22
C LYS A 145 17.83 2.98 23.49
N GLY A 146 18.06 2.02 22.59
CA GLY A 146 16.95 1.34 21.92
C GLY A 146 16.24 0.49 22.96
N ILE A 147 17.02 -0.36 23.62
CA ILE A 147 16.53 -1.39 24.51
C ILE A 147 15.68 -0.77 25.62
N GLU A 148 16.23 0.28 26.21
CA GLU A 148 15.60 1.01 27.30
C GLU A 148 14.25 1.55 26.85
N ALA A 149 14.25 2.13 25.65
CA ALA A 149 13.07 2.75 25.09
C ALA A 149 12.01 1.76 24.68
N PHE A 150 12.39 0.50 24.52
CA PHE A 150 11.45 -0.50 24.04
C PHE A 150 10.98 -1.41 25.18
N SER A 151 11.23 -1.00 26.43
CA SER A 151 11.11 -1.91 27.58
C SER A 151 10.42 -1.37 28.84
N ILE A 152 10.59 -0.09 29.15
CA ILE A 152 9.91 0.47 30.32
C ILE A 152 8.85 1.45 29.87
N SER A 153 9.14 2.09 28.74
CA SER A 153 8.36 3.22 28.24
C SER A 153 8.16 4.34 29.27
N ALA A 154 9.27 4.99 29.68
CA ALA A 154 9.23 6.01 30.74
C ALA A 154 8.70 7.39 30.29
N ARG A 155 9.39 8.01 29.34
CA ARG A 155 8.94 9.29 28.78
C ARG A 155 8.58 9.11 27.31
N GLN A 156 7.96 7.96 27.01
CA GLN A 156 7.97 7.42 25.66
C GLN A 156 6.80 7.90 24.83
N ALA A 157 6.02 8.83 25.40
CA ALA A 157 4.73 9.22 24.83
C ALA A 157 4.88 9.75 23.41
N THR A 158 4.32 9.03 22.44
CA THR A 158 4.37 9.44 21.04
C THR A 158 3.53 10.70 20.80
N LYS A 159 4.21 11.80 20.47
CA LYS A 159 3.55 13.10 20.36
C LYS A 159 2.43 13.09 19.34
N VAL A 160 1.20 13.17 19.84
CA VAL A 160 0.04 13.35 18.97
C VAL A 160 0.15 14.65 18.17
N LYS A 161 0.19 14.52 16.84
CA LYS A 161 0.27 15.69 15.97
C LYS A 161 -0.03 15.37 14.51
N ARG A 162 -0.64 16.33 13.82
CA ARG A 162 -0.89 16.20 12.39
C ARG A 162 -1.13 17.52 11.68
N ASP A 163 -0.05 18.09 11.15
CA ASP A 163 -0.13 18.97 10.00
C ASP A 163 -0.17 18.13 8.75
N ILE A 164 -0.48 16.85 8.90
CA ILE A 164 -0.81 15.99 7.80
C ILE A 164 -2.16 16.36 7.23
N SER A 165 -2.83 17.32 7.87
CA SER A 165 -4.15 17.78 7.47
C SER A 165 -4.09 18.66 6.23
N ALA A 166 -2.99 19.42 6.09
CA ALA A 166 -2.82 20.38 5.03
C ALA A 166 -2.22 19.77 3.79
N PHE A 167 -1.31 18.81 3.96
CA PHE A 167 -0.81 17.99 2.83
C PHE A 167 -2.00 17.28 2.16
N GLN A 168 -2.81 16.68 3.02
CA GLN A 168 -4.00 15.93 2.60
C GLN A 168 -4.93 16.83 1.81
N LYS A 169 -5.14 18.02 2.35
CA LYS A 169 -6.01 19.03 1.73
C LYS A 169 -5.51 19.37 0.34
N VAL A 170 -4.20 19.58 0.25
CA VAL A 170 -3.54 19.91 -1.01
C VAL A 170 -3.78 18.81 -2.04
N ILE A 171 -3.59 17.58 -1.58
CA ILE A 171 -3.76 16.39 -2.41
C ILE A 171 -5.18 16.34 -2.96
N GLN A 172 -6.12 16.57 -2.06
CA GLN A 172 -7.55 16.57 -2.38
C GLN A 172 -7.85 17.58 -3.46
N ASP A 173 -7.30 18.78 -3.27
CA ASP A 173 -7.46 19.89 -4.22
C ASP A 173 -6.97 19.49 -5.59
N ILE A 174 -5.80 18.89 -5.61
CA ILE A 174 -5.15 18.42 -6.83
C ILE A 174 -6.06 17.44 -7.56
N SER A 175 -6.58 16.50 -6.78
CA SER A 175 -7.48 15.46 -7.28
C SER A 175 -8.70 16.09 -7.93
N LEU A 176 -9.27 17.06 -7.23
CA LEU A 176 -10.45 17.79 -7.69
C LEU A 176 -10.18 18.44 -9.02
N ALA A 177 -9.02 19.09 -9.09
CA ALA A 177 -8.58 19.80 -10.30
C ALA A 177 -8.50 18.84 -11.46
N VAL A 178 -7.91 17.67 -11.21
CA VAL A 178 -7.71 16.69 -12.24
C VAL A 178 -9.07 16.18 -12.74
N ASN A 179 -9.87 15.73 -11.80
CA ASN A 179 -11.19 15.22 -12.10
C ASN A 179 -12.12 16.27 -12.64
N LYS A 180 -11.76 17.55 -12.49
CA LYS A 180 -12.57 18.67 -12.94
C LYS A 180 -12.55 18.75 -14.46
N PHE A 181 -11.37 18.59 -15.05
CA PHE A 181 -11.24 18.65 -16.49
C PHE A 181 -11.14 17.26 -17.11
N ASN A 182 -10.59 16.32 -16.36
CA ASN A 182 -10.45 14.94 -16.82
C ASN A 182 -11.81 14.38 -17.25
N VAL A 183 -12.87 15.08 -16.87
CA VAL A 183 -14.22 14.84 -17.36
C VAL A 183 -14.46 15.69 -18.62
N ASP A 184 -14.07 16.96 -18.51
CA ASP A 184 -14.39 17.98 -19.48
C ASP A 184 -13.88 17.59 -20.86
N ILE A 185 -12.65 17.12 -20.90
CA ILE A 185 -12.08 16.71 -22.17
C ILE A 185 -12.77 15.45 -22.64
N GLU A 186 -12.79 14.47 -21.74
CA GLU A 186 -13.40 13.16 -22.01
C GLU A 186 -14.78 13.35 -22.66
N ARG A 187 -15.44 14.42 -22.25
CA ARG A 187 -16.74 14.83 -22.76
C ARG A 187 -16.56 15.52 -24.12
N TYR A 188 -15.48 16.32 -24.21
CA TYR A 188 -15.24 17.20 -25.36
C TYR A 188 -15.10 16.44 -26.68
N VAL A 189 -15.82 16.92 -27.70
CA VAL A 189 -15.78 16.31 -29.02
C VAL A 189 -15.16 17.26 -30.05
N GLY A 190 -15.43 18.55 -29.91
CA GLY A 190 -14.90 19.56 -30.82
C GLY A 190 -15.43 20.95 -30.52
N GLY A 191 -15.24 21.85 -31.47
CA GLY A 191 -15.65 23.25 -31.31
C GLY A 191 -14.65 24.04 -30.50
N ASP A 192 -15.06 25.22 -30.04
CA ASP A 192 -14.23 26.03 -29.15
C ASP A 192 -13.71 25.19 -27.99
N ALA A 193 -12.42 25.34 -27.68
CA ALA A 193 -11.76 24.54 -26.66
C ALA A 193 -11.33 25.42 -25.47
N SER A 194 -11.92 26.60 -25.41
CA SER A 194 -11.63 27.60 -24.40
C SER A 194 -11.74 26.98 -23.01
N HIS A 195 -12.83 26.24 -22.83
CA HIS A 195 -13.21 25.68 -21.53
C HIS A 195 -12.10 24.81 -20.98
N LEU A 196 -11.61 23.94 -21.86
CA LEU A 196 -10.53 23.00 -21.53
C LEU A 196 -9.31 23.75 -21.05
N LEU A 197 -8.97 24.79 -21.81
CA LEU A 197 -7.82 25.66 -21.51
C LEU A 197 -7.96 26.26 -20.13
N ALA A 198 -9.15 26.77 -19.87
CA ALA A 198 -9.50 27.40 -18.60
C ALA A 198 -9.28 26.43 -17.45
N ASP A 199 -9.79 25.22 -17.66
CA ASP A 199 -9.68 24.13 -16.69
C ASP A 199 -8.22 23.85 -16.36
N GLY A 200 -7.42 23.76 -17.43
CA GLY A 200 -5.99 23.50 -17.33
C GLY A 200 -5.32 24.57 -16.48
N ASN A 201 -5.68 25.82 -16.78
CA ASN A 201 -5.15 26.99 -16.08
C ASN A 201 -5.45 26.89 -14.59
N VAL A 202 -6.70 26.55 -14.30
CA VAL A 202 -7.20 26.40 -12.94
C VAL A 202 -6.38 25.36 -12.20
N LEU A 203 -6.17 24.24 -12.87
CA LEU A 203 -5.40 23.11 -12.33
C LEU A 203 -3.99 23.58 -11.96
N ILE A 204 -3.39 24.30 -12.89
CA ILE A 204 -2.04 24.84 -12.73
C ILE A 204 -1.97 25.73 -11.49
N LYS A 205 -2.97 26.59 -11.38
CA LYS A 205 -3.09 27.53 -10.26
C LYS A 205 -3.14 26.78 -8.95
N ALA A 206 -3.97 25.74 -8.93
CA ALA A 206 -4.17 24.87 -7.77
C ALA A 206 -2.84 24.26 -7.34
N THR A 207 -2.13 23.76 -8.35
CA THR A 207 -0.82 23.13 -8.14
C THR A 207 0.14 24.10 -7.49
N LEU A 208 0.15 25.31 -8.03
CA LEU A 208 1.00 26.39 -7.55
C LEU A 208 0.71 26.67 -6.08
N ASP A 209 -0.57 26.77 -5.78
CA ASP A 209 -1.07 27.04 -4.43
C ASP A 209 -0.56 25.97 -3.47
N GLY A 210 -0.70 24.73 -3.91
CA GLY A 210 -0.27 23.55 -3.14
C GLY A 210 1.20 23.64 -2.82
N VAL A 211 1.97 23.99 -3.84
CA VAL A 211 3.42 24.13 -3.74
C VAL A 211 3.77 25.18 -2.68
N GLN A 212 3.07 26.29 -2.78
CA GLN A 212 3.24 27.42 -1.85
C GLN A 212 3.00 26.97 -0.42
N SER A 213 1.91 26.24 -0.25
CA SER A 213 1.47 25.72 1.04
C SER A 213 2.54 24.88 1.70
N LEU A 214 3.06 23.90 0.98
CA LEU A 214 4.03 22.97 1.56
C LEU A 214 5.46 23.53 1.53
N GLN A 215 5.60 24.85 1.45
CA GLN A 215 6.92 25.49 1.44
C GLN A 215 7.54 25.56 2.84
N ASN A 216 6.77 26.03 3.81
CA ASN A 216 7.27 26.21 5.18
C ASN A 216 7.02 25.00 6.09
N GLU A 217 6.15 24.09 5.63
CA GLU A 217 5.88 22.84 6.34
C GLU A 217 7.16 22.02 6.53
N PRO A 218 7.20 21.21 7.63
CA PRO A 218 8.41 20.50 8.01
C PRO A 218 8.56 19.21 7.20
N PRO A 219 9.62 18.41 7.48
CA PRO A 219 9.68 17.09 6.87
C PRO A 219 8.61 16.19 7.45
N LEU A 220 8.48 15.00 6.91
CA LEU A 220 7.53 14.01 7.40
C LEU A 220 8.24 12.73 7.87
N SER A 221 8.10 12.41 9.15
CA SER A 221 8.66 11.18 9.73
C SER A 221 7.95 9.96 9.17
N SER A 222 8.67 8.86 9.02
CA SER A 222 8.22 7.74 8.19
C SER A 222 6.96 7.05 8.73
N MET A 223 6.90 6.89 10.05
CA MET A 223 5.72 6.37 10.72
C MET A 223 4.61 7.43 10.71
N GLU A 224 5.02 8.70 10.73
CA GLU A 224 4.06 9.80 10.63
C GLU A 224 3.65 10.02 9.18
N ALA A 225 4.59 9.77 8.25
CA ALA A 225 4.36 9.99 6.83
C ALA A 225 3.44 8.95 6.18
N LEU A 226 3.31 7.79 6.83
CA LEU A 226 2.45 6.71 6.33
C LEU A 226 0.99 6.96 6.69
N ALA A 227 0.75 8.07 7.39
CA ALA A 227 -0.61 8.51 7.70
C ALA A 227 -1.35 8.87 6.44
N LEU A 228 -0.65 9.56 5.53
CA LEU A 228 -1.26 10.12 4.33
C LEU A 228 -1.13 9.16 3.14
N VAL A 229 -0.05 8.40 3.10
CA VAL A 229 0.13 7.40 2.08
C VAL A 229 -0.68 6.16 2.45
N GLY A 230 -0.48 5.68 3.68
CA GLY A 230 -1.21 4.52 4.17
C GLY A 230 -2.16 4.87 5.31
N PRO A 231 -3.22 5.65 5.01
CA PRO A 231 -4.19 6.24 5.96
C PRO A 231 -4.92 5.36 6.97
N VAL A 232 -5.42 4.21 6.53
CA VAL A 232 -6.19 3.29 7.36
C VAL A 232 -5.29 2.40 8.24
N GLN A 233 -4.22 1.95 7.60
CA GLN A 233 -3.23 1.07 8.21
C GLN A 233 -2.66 1.70 9.47
N ASP A 234 -2.30 2.98 9.33
CA ASP A 234 -1.73 3.76 10.42
C ASP A 234 -2.69 3.80 11.60
N LEU A 235 -3.96 4.06 11.28
CA LEU A 235 -5.03 4.13 12.28
C LEU A 235 -5.13 2.82 13.03
N SER A 236 -5.10 1.73 12.27
CA SER A 236 -5.19 0.38 12.82
C SER A 236 -4.05 0.15 13.81
N ASN A 237 -2.85 0.52 13.36
CA ASN A 237 -1.63 0.30 14.12
C ASN A 237 -1.70 1.05 15.43
N GLN A 238 -2.10 2.29 15.35
CA GLN A 238 -2.19 3.20 16.49
C GLN A 238 -3.28 2.75 17.45
N ILE A 239 -4.34 2.11 16.96
CA ILE A 239 -5.37 1.53 17.82
C ILE A 239 -4.76 0.37 18.58
N LEU A 240 -4.08 -0.52 17.84
CA LEU A 240 -3.52 -1.73 18.42
C LEU A 240 -2.53 -1.39 19.53
N LEU A 241 -1.67 -0.46 19.20
CA LEU A 241 -0.62 0.04 20.10
C LEU A 241 -1.24 0.58 21.36
N ALA A 242 -2.29 1.39 21.17
CA ALA A 242 -3.03 1.99 22.30
C ALA A 242 -3.57 0.92 23.22
N ILE A 243 -4.17 -0.10 22.60
CA ILE A 243 -4.75 -1.23 23.32
C ILE A 243 -3.68 -1.92 24.16
N GLN A 244 -2.54 -2.15 23.52
CA GLN A 244 -1.41 -2.79 24.16
C GLN A 244 -0.95 -2.01 25.39
N ASN A 245 -0.86 -0.71 25.20
CA ASN A 245 -0.46 0.23 26.26
C ASN A 245 -1.40 0.11 27.45
N LEU A 246 -2.69 0.10 27.13
CA LEU A 246 -3.76 0.00 28.12
C LEU A 246 -3.59 -1.28 28.93
N ILE A 247 -3.35 -2.37 28.20
CA ILE A 247 -3.16 -3.69 28.79
C ILE A 247 -1.99 -3.67 29.77
N ASP A 248 -0.90 -3.06 29.32
CA ASP A 248 0.32 -2.92 30.10
C ASP A 248 0.04 -2.21 31.41
N LYS A 249 -0.72 -1.11 31.36
CA LYS A 249 -1.00 -0.33 32.56
C LYS A 249 -2.26 -0.81 33.30
N LYS A 250 -2.54 -2.12 33.22
CA LYS A 250 -3.60 -2.74 34.02
C LYS A 250 -3.18 -2.84 35.48
N GLU A 251 -2.05 -3.52 35.71
CA GLU A 251 -1.54 -3.77 37.07
C GLU A 251 -1.67 -2.57 38.04
N PRO A 252 -1.17 -1.39 37.62
CA PRO A 252 -1.15 -0.25 38.53
C PRO A 252 -2.43 0.59 38.48
N LEU A 253 -3.38 0.20 37.62
CA LEU A 253 -4.71 0.78 37.61
C LEU A 253 -5.66 -0.09 38.44
N VAL A 254 -5.38 -1.39 38.45
CA VAL A 254 -5.92 -2.29 39.45
C VAL A 254 -5.38 -1.93 40.83
N GLN A 255 -4.11 -1.50 40.88
CA GLN A 255 -3.50 -1.06 42.13
C GLN A 255 -4.18 0.21 42.66
N ALA A 256 -4.45 1.16 41.77
CA ALA A 256 -5.21 2.36 42.12
C ALA A 256 -6.71 2.08 42.29
N GLY A 257 -7.15 0.94 41.74
CA GLY A 257 -8.50 0.45 42.00
C GLY A 257 -9.54 1.07 41.10
N PHE A 258 -9.20 1.23 39.82
CA PHE A 258 -10.16 1.71 38.84
C PHE A 258 -10.75 0.57 38.01
N GLY A 259 -10.46 -0.67 38.43
CA GLY A 259 -10.47 -1.80 37.52
C GLY A 259 -11.84 -1.98 36.90
N GLY A 260 -12.86 -1.91 37.77
CA GLY A 260 -14.25 -2.09 37.36
C GLY A 260 -14.62 -1.06 36.31
N LYS A 261 -14.24 0.19 36.59
CA LYS A 261 -14.50 1.32 35.69
C LYS A 261 -13.88 1.06 34.33
N VAL A 262 -12.64 0.61 34.36
CA VAL A 262 -11.86 0.31 33.16
C VAL A 262 -12.60 -0.74 32.33
N GLU A 263 -13.05 -1.77 33.01
CA GLU A 263 -13.59 -2.97 32.35
C GLU A 263 -14.82 -2.60 31.53
N ASN A 264 -15.69 -1.84 32.18
CA ASN A 264 -16.94 -1.37 31.57
C ASN A 264 -16.64 -0.57 30.32
N ASN A 265 -15.67 0.33 30.46
CA ASN A 265 -15.24 1.20 29.35
C ASN A 265 -14.78 0.35 28.17
N LEU A 266 -13.97 -0.64 28.49
CA LEU A 266 -13.41 -1.57 27.49
C LEU A 266 -14.53 -2.26 26.75
N ARG A 267 -15.50 -2.73 27.52
CA ARG A 267 -16.68 -3.43 26.98
C ARG A 267 -17.41 -2.54 26.00
N GLN A 268 -17.61 -1.29 26.42
CA GLN A 268 -18.30 -0.28 25.62
C GLN A 268 -17.57 -0.08 24.29
N GLN A 269 -16.27 0.04 24.39
CA GLN A 269 -15.38 0.23 23.24
C GLN A 269 -15.54 -0.91 22.26
N GLU A 270 -15.54 -2.11 22.81
CA GLU A 270 -15.68 -3.35 22.04
C GLU A 270 -16.99 -3.34 21.27
N GLU A 271 -18.04 -2.96 21.98
CA GLU A 271 -19.39 -2.88 21.42
C GLU A 271 -19.41 -1.92 20.24
N ALA A 272 -18.79 -0.77 20.46
CA ALA A 272 -18.69 0.29 19.45
C ALA A 272 -18.02 -0.24 18.20
N ALA A 273 -16.91 -0.94 18.43
CA ALA A 273 -16.10 -1.54 17.36
C ALA A 273 -16.95 -2.48 16.54
N GLN A 274 -17.69 -3.32 17.25
CA GLN A 274 -18.58 -4.32 16.65
C GLN A 274 -19.59 -3.64 15.74
N LYS A 275 -20.18 -2.57 16.28
CA LYS A 275 -21.18 -1.79 15.57
C LYS A 275 -20.60 -1.24 14.28
N LEU A 276 -19.40 -0.69 14.40
CA LEU A 276 -18.80 0.04 13.29
C LEU A 276 -18.41 -0.96 12.22
N SER A 277 -17.64 -1.96 12.63
CA SER A 277 -17.11 -2.99 11.76
C SER A 277 -18.22 -3.68 11.00
N GLU A 278 -19.44 -3.74 11.54
CA GLU A 278 -20.53 -4.35 10.79
C GLU A 278 -20.86 -3.46 9.60
N LEU A 279 -21.06 -2.19 9.91
CA LEU A 279 -21.44 -1.17 8.92
C LEU A 279 -20.41 -1.12 7.79
N VAL A 280 -19.14 -1.12 8.19
CA VAL A 280 -18.01 -1.10 7.29
C VAL A 280 -18.09 -2.25 6.29
N SER A 281 -18.38 -3.44 6.82
CA SER A 281 -18.51 -4.65 6.04
C SER A 281 -19.56 -4.51 4.98
N THR A 282 -20.49 -3.56 5.11
CA THR A 282 -21.51 -3.32 4.09
C THR A 282 -20.97 -2.45 2.94
N LYS A 283 -20.03 -1.55 3.28
CA LYS A 283 -19.61 -0.49 2.38
C LYS A 283 -18.40 -0.85 1.51
N VAL A 284 -17.92 -2.09 1.64
CA VAL A 284 -16.71 -2.55 0.94
C VAL A 284 -17.01 -3.23 -0.42
N PRO A 285 -15.99 -3.33 -1.30
CA PRO A 285 -16.09 -3.83 -2.67
C PRO A 285 -15.95 -5.37 -2.82
N HIS A 286 -16.06 -5.87 -4.04
CA HIS A 286 -15.62 -7.23 -4.36
C HIS A 286 -14.31 -7.49 -3.63
N GLU A 287 -13.30 -6.68 -3.96
CA GLU A 287 -11.90 -7.06 -3.79
C GLU A 287 -11.38 -6.86 -2.37
N LEU A 288 -11.90 -5.84 -1.68
CA LEU A 288 -11.24 -5.34 -0.46
C LEU A 288 -11.85 -5.88 0.84
N ALA A 289 -12.80 -6.80 0.70
CA ALA A 289 -13.57 -7.35 1.82
C ALA A 289 -12.61 -8.09 2.77
N ASP A 290 -11.77 -8.91 2.16
CA ASP A 290 -10.94 -9.86 2.87
C ASP A 290 -10.04 -9.15 3.86
N ILE A 291 -9.41 -8.10 3.38
CA ILE A 291 -8.48 -7.27 4.15
C ILE A 291 -9.20 -6.51 5.25
N SER A 292 -10.36 -5.97 4.86
CA SER A 292 -11.23 -5.23 5.79
C SER A 292 -11.60 -6.05 7.00
N ARG A 293 -11.97 -7.30 6.72
CA ARG A 293 -12.21 -8.33 7.76
C ARG A 293 -10.93 -8.48 8.61
N GLN A 294 -9.81 -8.58 7.89
CA GLN A 294 -8.54 -8.92 8.51
C GLN A 294 -8.14 -7.91 9.53
N LEU A 295 -8.40 -6.61 9.27
CA LEU A 295 -8.10 -5.54 10.21
C LEU A 295 -9.11 -5.56 11.34
N SER A 296 -10.39 -5.61 10.95
CA SER A 296 -11.49 -5.48 11.91
C SER A 296 -11.43 -6.57 12.95
N ASP A 297 -11.22 -7.78 12.45
CA ASP A 297 -11.11 -8.99 13.28
C ASP A 297 -9.99 -8.83 14.29
N GLY A 298 -8.85 -8.35 13.78
CA GLY A 298 -7.66 -8.13 14.60
C GLY A 298 -7.96 -7.16 15.72
N ILE A 299 -8.67 -6.09 15.38
CA ILE A 299 -9.05 -5.04 16.31
C ILE A 299 -9.91 -5.64 17.42
N ALA A 300 -10.92 -6.38 16.98
CA ALA A 300 -11.93 -6.91 17.90
C ALA A 300 -11.27 -7.87 18.89
N ALA A 301 -10.48 -8.75 18.32
CA ALA A 301 -9.72 -9.77 19.05
C ALA A 301 -8.76 -9.10 19.99
N GLY A 302 -8.10 -8.03 19.54
CA GLY A 302 -7.18 -7.26 20.37
C GLY A 302 -7.89 -6.74 21.61
N ILE A 303 -9.08 -6.19 21.37
CA ILE A 303 -9.91 -5.64 22.43
C ILE A 303 -10.22 -6.72 23.49
N LYS A 304 -10.59 -7.87 22.98
CA LYS A 304 -11.06 -9.00 23.74
C LYS A 304 -10.06 -9.40 24.81
N LYS A 305 -8.81 -9.50 24.40
CA LYS A 305 -7.71 -9.87 25.30
C LYS A 305 -7.61 -8.90 26.45
N GLY A 306 -7.67 -7.62 26.09
CA GLY A 306 -7.57 -6.53 27.07
C GLY A 306 -8.70 -6.64 28.08
N ILE A 307 -9.90 -6.89 27.55
CA ILE A 307 -11.11 -7.04 28.36
C ILE A 307 -10.92 -8.17 29.38
N ASP A 308 -10.41 -9.28 28.87
CA ASP A 308 -10.15 -10.48 29.67
C ASP A 308 -9.20 -10.15 30.82
N ALA A 309 -8.14 -9.44 30.46
CA ALA A 309 -7.12 -9.01 31.41
C ALA A 309 -7.74 -8.18 32.54
N PHE A 310 -8.61 -7.23 32.20
CA PHE A 310 -9.03 -6.19 33.16
C PHE A 310 -10.41 -6.42 33.79
N ALA A 311 -11.11 -7.46 33.34
CA ALA A 311 -12.39 -7.84 33.94
C ALA A 311 -12.24 -8.40 35.34
N GLY A 312 -12.91 -7.78 36.31
CA GLY A 312 -12.75 -8.14 37.71
C GLY A 312 -11.35 -7.86 38.22
N VAL B 4 -17.46 -36.54 -25.01
CA VAL B 4 -18.11 -35.51 -24.21
C VAL B 4 -17.12 -34.90 -23.20
N ASN B 5 -16.26 -35.75 -22.65
CA ASN B 5 -15.40 -35.39 -21.54
C ASN B 5 -14.47 -34.24 -21.96
N VAL B 6 -13.93 -34.36 -23.17
CA VAL B 6 -12.86 -33.51 -23.64
C VAL B 6 -13.32 -32.07 -23.71
N PHE B 7 -14.49 -31.89 -24.30
CA PHE B 7 -15.12 -30.57 -24.46
C PHE B 7 -15.31 -29.92 -23.10
N LYS B 8 -15.84 -30.72 -22.18
CA LYS B 8 -16.10 -30.28 -20.80
C LYS B 8 -14.82 -29.78 -20.16
N LYS B 9 -13.77 -30.59 -20.32
CA LYS B 9 -12.44 -30.29 -19.78
C LYS B 9 -11.95 -28.95 -20.31
N VAL B 10 -12.10 -28.78 -21.61
CA VAL B 10 -11.69 -27.57 -22.31
C VAL B 10 -12.40 -26.35 -21.72
N LEU B 11 -13.70 -26.52 -21.54
CA LEU B 11 -14.57 -25.48 -20.98
C LEU B 11 -14.07 -25.08 -19.59
N GLU B 12 -13.78 -26.10 -18.80
CA GLU B 12 -13.29 -25.92 -17.43
C GLU B 12 -12.01 -25.11 -17.43
N ASN B 13 -11.11 -25.49 -18.33
CA ASN B 13 -9.81 -24.83 -18.50
C ASN B 13 -10.01 -23.34 -18.80
N ILE B 14 -10.92 -23.10 -19.74
CA ILE B 14 -11.26 -21.75 -20.17
C ILE B 14 -11.74 -20.91 -18.98
N GLY B 15 -12.63 -21.53 -18.22
CA GLY B 15 -13.22 -20.91 -17.02
C GLY B 15 -12.13 -20.53 -16.04
N ASN B 16 -11.21 -21.46 -15.83
CA ASN B 16 -10.08 -21.28 -14.92
C ASN B 16 -9.26 -20.08 -15.35
N ALA B 17 -8.99 -20.03 -16.64
CA ALA B 17 -8.20 -18.95 -17.25
C ALA B 17 -8.88 -17.60 -16.98
N VAL B 18 -10.18 -17.59 -17.21
CA VAL B 18 -11.01 -16.40 -17.01
C VAL B 18 -10.91 -15.93 -15.57
N THR B 19 -11.02 -16.88 -14.66
CA THR B 19 -10.95 -16.63 -13.22
C THR B 19 -9.63 -15.98 -12.87
N GLN B 20 -8.57 -16.55 -13.42
CA GLN B 20 -7.20 -16.07 -13.21
C GLN B 20 -7.08 -14.62 -13.65
N PHE B 21 -7.62 -14.37 -14.84
CA PHE B 21 -7.61 -13.03 -15.44
C PHE B 21 -8.30 -12.03 -14.52
N ASN B 22 -9.45 -12.45 -14.02
CA ASN B 22 -10.28 -11.64 -13.11
C ASN B 22 -9.49 -11.28 -11.87
N ASN B 23 -8.82 -12.29 -11.33
CA ASN B 23 -8.00 -12.16 -10.13
C ASN B 23 -6.91 -11.12 -10.35
N ASP B 24 -6.27 -11.25 -11.51
CA ASP B 24 -5.18 -10.35 -11.91
C ASP B 24 -5.69 -8.91 -11.95
N ILE B 25 -6.85 -8.76 -12.58
CA ILE B 25 -7.51 -7.46 -12.72
C ILE B 25 -7.75 -6.84 -11.35
N LEU B 26 -8.28 -7.66 -10.46
CA LEU B 26 -8.59 -7.25 -9.09
C LEU B 26 -7.34 -6.74 -8.39
N ALA B 27 -6.27 -7.52 -8.55
CA ALA B 27 -4.96 -7.20 -7.98
C ALA B 27 -4.48 -5.83 -8.45
N TYR B 28 -4.70 -5.54 -9.74
CA TYR B 28 -4.06 -4.40 -10.40
C TYR B 28 -4.55 -3.04 -9.88
N THR B 29 -3.74 -2.44 -9.01
CA THR B 29 -3.97 -1.08 -8.52
C THR B 29 -3.51 -0.04 -9.54
N GLY B 30 -2.61 -0.46 -10.42
CA GLY B 30 -2.01 0.43 -11.41
C GLY B 30 -0.54 0.09 -11.63
N GLY B 31 0.19 1.03 -12.22
CA GLY B 31 1.62 0.85 -12.47
C GLY B 31 1.88 0.03 -13.73
N ASP B 32 2.74 -0.98 -13.59
CA ASP B 32 3.04 -1.89 -14.69
C ASP B 32 1.87 -2.85 -14.93
N ALA B 33 1.39 -2.89 -16.18
CA ALA B 33 0.17 -3.61 -16.51
C ALA B 33 0.42 -4.69 -17.58
N ASN B 34 1.70 -5.01 -17.77
CA ASN B 34 2.16 -6.07 -18.66
C ASN B 34 1.47 -7.40 -18.34
N HIS B 35 1.41 -7.67 -17.03
CA HIS B 35 0.96 -8.93 -16.49
C HIS B 35 -0.45 -9.25 -16.97
N LEU B 36 -1.31 -8.25 -16.89
CA LEU B 36 -2.71 -8.36 -17.30
C LEU B 36 -2.78 -8.77 -18.77
N ILE B 37 -1.99 -8.09 -19.58
CA ILE B 37 -1.94 -8.32 -21.03
C ILE B 37 -1.53 -9.77 -21.29
N HIS B 38 -0.50 -10.20 -20.56
CA HIS B 38 0.04 -11.56 -20.67
C HIS B 38 -1.07 -12.58 -20.38
N ASP B 39 -1.78 -12.32 -19.30
CA ASP B 39 -2.88 -13.17 -18.85
C ASP B 39 -3.94 -13.29 -19.94
N GLY B 40 -4.28 -12.15 -20.51
CA GLY B 40 -5.28 -12.05 -21.58
C GLY B 40 -4.85 -12.93 -22.76
N ASP B 41 -3.58 -12.79 -23.12
CA ASP B 41 -2.97 -13.54 -24.22
C ASP B 41 -3.11 -15.02 -23.98
N ALA B 42 -2.78 -15.41 -22.76
CA ALA B 42 -2.83 -16.81 -22.32
C ALA B 42 -4.24 -17.35 -22.47
N ILE B 43 -5.19 -16.55 -22.02
CA ILE B 43 -6.62 -16.89 -22.08
C ILE B 43 -7.04 -17.14 -23.52
N ILE B 44 -6.60 -16.22 -24.39
CA ILE B 44 -6.89 -16.29 -25.82
C ILE B 44 -6.38 -17.59 -26.41
N LYS B 45 -5.13 -17.89 -26.04
CA LYS B 45 -4.45 -19.11 -26.49
C LYS B 45 -5.25 -20.34 -26.09
N ALA B 46 -5.67 -20.34 -24.83
CA ALA B 46 -6.46 -21.43 -24.26
C ALA B 46 -7.74 -21.64 -25.06
N THR B 47 -8.40 -20.53 -25.34
CA THR B 47 -9.65 -20.51 -26.10
C THR B 47 -9.43 -21.15 -27.47
N GLU B 48 -8.34 -20.73 -28.11
CA GLU B 48 -7.96 -21.22 -29.43
C GLU B 48 -7.78 -22.74 -29.40
N ASN B 49 -7.07 -23.18 -28.37
CA ASN B 49 -6.79 -24.60 -28.14
C ASN B 49 -8.06 -25.39 -28.05
N GLY B 50 -9.19 -24.75 -27.74
CA GLY B 50 -10.49 -25.45 -27.78
C GLY B 50 -10.84 -25.85 -29.20
N LEU B 51 -10.81 -24.87 -30.10
CA LEU B 51 -11.14 -25.08 -31.51
C LEU B 51 -10.41 -26.28 -32.10
N GLN B 52 -9.10 -26.37 -31.83
CA GLN B 52 -8.27 -27.46 -32.32
C GLN B 52 -8.72 -28.84 -31.83
N GLU B 53 -9.30 -28.89 -30.63
CA GLU B 53 -9.66 -30.16 -29.99
C GLU B 53 -11.15 -30.49 -30.11
N LEU B 54 -11.96 -29.47 -30.40
CA LEU B 54 -13.40 -29.64 -30.48
C LEU B 54 -13.89 -29.88 -31.90
N GLY B 55 -13.15 -29.35 -32.87
CA GLY B 55 -13.41 -29.60 -34.29
C GLY B 55 -13.76 -31.04 -34.65
N PRO B 56 -12.93 -32.01 -34.19
CA PRO B 56 -13.11 -33.38 -34.64
C PRO B 56 -14.11 -34.16 -33.80
N GLN B 57 -14.66 -33.53 -32.77
CA GLN B 57 -15.64 -34.16 -31.89
C GLN B 57 -16.94 -34.45 -32.63
N PRO B 58 -17.62 -35.56 -32.27
CA PRO B 58 -18.81 -36.00 -32.97
C PRO B 58 -20.07 -35.23 -32.53
N PRO B 59 -21.21 -35.47 -33.19
CA PRO B 59 -22.41 -34.74 -32.79
C PRO B 59 -22.98 -35.26 -31.47
N LEU B 60 -23.26 -34.34 -30.56
CA LEU B 60 -23.75 -34.69 -29.23
C LEU B 60 -25.18 -35.24 -29.28
N SER B 61 -25.54 -36.04 -28.28
CA SER B 61 -26.90 -36.56 -28.16
C SER B 61 -27.85 -35.52 -27.59
N LEU B 62 -29.14 -35.76 -27.72
CA LEU B 62 -30.16 -34.90 -27.13
C LEU B 62 -29.96 -34.77 -25.61
N THR B 63 -29.75 -35.91 -24.95
CA THR B 63 -29.61 -35.96 -23.50
C THR B 63 -28.25 -35.43 -23.03
N GLU B 64 -27.23 -35.59 -23.86
CA GLU B 64 -25.88 -35.13 -23.54
C GLU B 64 -25.80 -33.60 -23.48
N ALA B 65 -26.48 -32.95 -24.41
CA ALA B 65 -26.46 -31.49 -24.51
C ALA B 65 -26.90 -30.80 -23.22
N LEU B 66 -27.96 -31.33 -22.60
CA LEU B 66 -28.59 -30.70 -21.44
C LEU B 66 -27.69 -30.74 -20.20
N ALA B 67 -26.88 -31.78 -20.06
CA ALA B 67 -25.85 -31.84 -19.04
C ALA B 67 -24.78 -30.76 -19.28
N LEU B 68 -24.61 -30.39 -20.55
CA LEU B 68 -23.57 -29.44 -20.96
C LEU B 68 -24.11 -28.02 -21.08
N VAL B 69 -25.25 -27.77 -20.44
CA VAL B 69 -25.90 -26.47 -20.42
C VAL B 69 -25.40 -25.65 -19.22
N GLY B 70 -25.37 -26.32 -18.07
CA GLY B 70 -25.09 -25.70 -16.80
C GLY B 70 -23.68 -25.25 -16.64
N PRO B 71 -22.73 -25.89 -17.38
CA PRO B 71 -21.33 -25.52 -17.32
C PRO B 71 -21.02 -24.33 -18.18
N VAL B 72 -21.60 -24.32 -19.38
CA VAL B 72 -21.47 -23.21 -20.32
C VAL B 72 -21.95 -21.91 -19.69
N GLN B 73 -23.11 -22.01 -19.05
CA GLN B 73 -23.74 -20.87 -18.36
C GLN B 73 -22.80 -20.32 -17.30
N GLY B 74 -22.24 -21.24 -16.52
CA GLY B 74 -21.31 -20.90 -15.44
C GLY B 74 -20.12 -20.15 -16.00
N VAL B 75 -19.59 -20.66 -17.11
CA VAL B 75 -18.44 -20.07 -17.78
C VAL B 75 -18.76 -18.62 -18.18
N ASN B 76 -19.93 -18.49 -18.79
CA ASN B 76 -20.30 -17.23 -19.49
C ASN B 76 -20.40 -16.12 -18.48
N LYS B 77 -21.08 -16.43 -17.38
CA LYS B 77 -21.29 -15.49 -16.27
C LYS B 77 -19.96 -15.02 -15.74
N LEU B 78 -19.06 -15.98 -15.54
CA LEU B 78 -17.71 -15.71 -15.03
C LEU B 78 -16.99 -14.73 -15.95
N ILE B 79 -17.08 -15.02 -17.24
CA ILE B 79 -16.46 -14.21 -18.28
C ILE B 79 -16.97 -12.78 -18.21
N MET B 80 -18.29 -12.67 -18.09
CA MET B 80 -18.97 -11.39 -18.00
C MET B 80 -18.45 -10.59 -16.82
N LYS B 81 -18.36 -11.27 -15.69
CA LYS B 81 -17.87 -10.69 -14.44
C LYS B 81 -16.47 -10.13 -14.62
N THR B 82 -15.63 -10.95 -15.25
CA THR B 82 -14.24 -10.59 -15.53
C THR B 82 -14.18 -9.32 -16.37
N VAL B 83 -15.01 -9.29 -17.40
CA VAL B 83 -15.10 -8.16 -18.32
C VAL B 83 -15.46 -6.89 -17.55
N ASP B 84 -16.45 -7.04 -16.70
CA ASP B 84 -16.95 -5.93 -15.86
C ASP B 84 -15.83 -5.38 -15.00
N HIS B 85 -15.10 -6.31 -14.38
CA HIS B 85 -13.99 -5.95 -13.51
C HIS B 85 -12.94 -5.18 -14.27
N LEU B 86 -12.63 -5.67 -15.47
CA LEU B 86 -11.65 -5.03 -16.36
C LEU B 86 -12.07 -3.60 -16.66
N ILE B 87 -13.35 -3.45 -16.98
CA ILE B 87 -13.94 -2.16 -17.31
C ILE B 87 -13.76 -1.19 -16.15
N GLU B 88 -14.07 -1.70 -14.96
CA GLU B 88 -13.96 -0.95 -13.71
C GLU B 88 -12.55 -0.40 -13.53
N LYS B 89 -11.55 -1.22 -13.83
CA LYS B 89 -10.17 -0.77 -13.78
C LYS B 89 -9.69 -0.24 -15.13
N LYS B 90 -10.49 0.65 -15.74
CA LYS B 90 -10.16 1.15 -17.07
C LYS B 90 -9.07 2.23 -16.94
N GLY B 91 -9.30 3.13 -15.98
CA GLY B 91 -8.66 4.42 -15.98
C GLY B 91 -7.18 4.24 -15.75
N PRO B 92 -6.84 3.41 -14.74
CA PRO B 92 -5.42 3.30 -14.34
C PRO B 92 -4.60 2.74 -15.47
N LEU B 93 -5.15 1.71 -16.12
CA LEU B 93 -4.49 1.05 -17.26
C LEU B 93 -4.23 2.07 -18.36
N VAL B 94 -5.26 2.87 -18.64
CA VAL B 94 -5.20 3.91 -19.67
C VAL B 94 -4.07 4.89 -19.37
N GLY B 95 -4.03 5.30 -18.10
CA GLY B 95 -3.01 6.23 -17.61
C GLY B 95 -1.62 5.68 -17.83
N GLY B 96 -1.47 4.40 -17.47
CA GLY B 96 -0.21 3.67 -17.63
C GLY B 96 0.25 3.70 -19.08
N GLY B 97 -0.72 3.55 -19.98
CA GLY B 97 -0.47 3.63 -21.41
C GLY B 97 -0.99 2.39 -22.10
N TYR B 98 -1.68 1.55 -21.34
CA TYR B 98 -1.92 0.17 -21.74
C TYR B 98 -3.31 -0.03 -22.36
N GLY B 99 -3.88 1.05 -22.91
CA GLY B 99 -5.25 1.03 -23.35
C GLY B 99 -5.37 0.45 -24.73
N PRO B 100 -4.38 0.76 -25.62
CA PRO B 100 -4.49 0.20 -26.97
C PRO B 100 -4.31 -1.30 -26.92
N GLN B 101 -3.32 -1.74 -26.16
CA GLN B 101 -2.96 -3.16 -26.07
C GLN B 101 -4.16 -3.96 -25.56
N VAL B 102 -4.75 -3.43 -24.50
CA VAL B 102 -5.91 -4.04 -23.85
C VAL B 102 -7.05 -4.18 -24.85
N LYS B 103 -7.27 -3.09 -25.58
CA LYS B 103 -8.33 -3.04 -26.60
C LYS B 103 -8.12 -4.14 -27.63
N ALA B 104 -6.88 -4.25 -28.08
CA ALA B 104 -6.47 -5.25 -29.07
C ALA B 104 -6.82 -6.66 -28.54
N SER B 105 -6.41 -6.87 -27.31
CA SER B 105 -6.53 -8.16 -26.63
C SER B 105 -7.97 -8.58 -26.58
N LEU B 106 -8.81 -7.64 -26.15
CA LEU B 106 -10.25 -7.87 -26.02
C LEU B 106 -10.83 -8.28 -27.36
N GLN B 107 -10.43 -7.55 -28.39
CA GLN B 107 -10.89 -7.79 -29.77
C GLN B 107 -10.55 -9.22 -30.18
N LYS B 108 -9.30 -9.58 -29.90
CA LYS B 108 -8.77 -10.90 -30.22
C LYS B 108 -9.61 -11.99 -29.56
N GLN B 109 -9.88 -11.75 -28.28
CA GLN B 109 -10.69 -12.67 -27.46
C GLN B 109 -12.05 -12.87 -28.08
N ALA B 110 -12.66 -11.75 -28.46
CA ALA B 110 -13.99 -11.72 -29.09
C ALA B 110 -13.98 -12.58 -30.34
N HIS B 111 -12.95 -12.37 -31.15
CA HIS B 111 -12.79 -13.06 -32.43
C HIS B 111 -12.73 -14.55 -32.18
N ALA B 112 -11.90 -14.92 -31.22
CA ALA B 112 -11.64 -16.34 -30.93
C ALA B 112 -12.93 -16.96 -30.38
N ALA B 113 -13.51 -16.25 -29.42
CA ALA B 113 -14.72 -16.70 -28.72
C ALA B 113 -15.85 -16.92 -29.72
N VAL B 114 -16.00 -15.99 -30.65
CA VAL B 114 -16.98 -16.03 -31.71
C VAL B 114 -16.83 -17.33 -32.52
N THR B 115 -15.59 -17.59 -32.89
CA THR B 115 -15.22 -18.77 -33.68
C THR B 115 -15.63 -20.02 -32.94
N LEU B 116 -15.29 -20.04 -31.65
CA LEU B 116 -15.60 -21.17 -30.76
C LEU B 116 -17.10 -21.43 -30.75
N SER B 117 -17.84 -20.35 -30.60
CA SER B 117 -19.30 -20.38 -30.56
C SER B 117 -19.85 -21.00 -31.82
N GLU B 118 -19.31 -20.53 -32.94
CA GLU B 118 -19.69 -21.00 -34.28
C GLU B 118 -19.48 -22.51 -34.38
N LEU B 119 -18.31 -22.93 -33.92
CA LEU B 119 -17.91 -24.33 -33.94
C LEU B 119 -18.92 -25.18 -33.16
N VAL B 120 -19.26 -24.67 -31.97
CA VAL B 120 -20.07 -25.42 -31.03
C VAL B 120 -21.48 -25.66 -31.53
N SER B 121 -22.02 -24.72 -32.29
CA SER B 121 -23.31 -24.86 -32.95
C SER B 121 -23.47 -26.18 -33.70
N SER B 122 -22.46 -26.55 -34.48
CA SER B 122 -22.51 -27.74 -35.34
C SER B 122 -22.34 -29.06 -34.58
N LYS B 123 -21.80 -28.98 -33.37
CA LYS B 123 -21.63 -30.18 -32.52
C LYS B 123 -22.89 -30.50 -31.72
N VAL B 124 -23.56 -29.46 -31.23
CA VAL B 124 -24.86 -29.61 -30.56
C VAL B 124 -25.95 -30.04 -31.56
N PRO B 125 -27.03 -30.66 -31.05
CA PRO B 125 -28.17 -30.94 -31.93
C PRO B 125 -28.96 -29.66 -32.21
N SER B 126 -29.76 -29.69 -33.28
CA SER B 126 -30.38 -28.47 -33.82
C SER B 126 -31.63 -27.93 -33.05
N PRO B 127 -32.16 -28.69 -32.07
CA PRO B 127 -33.28 -28.14 -31.33
C PRO B 127 -32.86 -27.40 -30.05
N LEU B 128 -31.56 -27.47 -29.72
CA LEU B 128 -31.01 -26.79 -28.55
C LEU B 128 -30.23 -25.56 -28.98
N ALA B 129 -30.23 -25.33 -30.28
CA ALA B 129 -29.51 -24.22 -30.90
C ALA B 129 -30.06 -22.88 -30.46
N PRO B 130 -31.36 -22.82 -30.10
CA PRO B 130 -31.99 -21.60 -29.63
C PRO B 130 -31.30 -21.07 -28.38
N ILE B 131 -30.93 -21.98 -27.50
CA ILE B 131 -30.30 -21.66 -26.23
C ILE B 131 -28.85 -21.24 -26.50
N SER B 132 -28.17 -22.09 -27.27
CA SER B 132 -26.73 -21.98 -27.48
C SER B 132 -26.39 -20.63 -28.10
N LYS B 133 -27.17 -20.27 -29.10
CA LYS B 133 -27.01 -19.01 -29.83
C LYS B 133 -27.14 -17.83 -28.88
N GLN B 134 -28.17 -17.92 -28.05
CA GLN B 134 -28.47 -16.89 -27.03
C GLN B 134 -27.28 -16.71 -26.11
N LEU B 135 -26.76 -17.85 -25.66
CA LEU B 135 -25.60 -17.89 -24.76
C LEU B 135 -24.41 -17.18 -25.39
N SER B 136 -24.18 -17.51 -26.65
CA SER B 136 -23.10 -16.95 -27.45
C SER B 136 -23.22 -15.42 -27.50
N ASP B 137 -24.44 -15.00 -27.80
CA ASP B 137 -24.79 -13.58 -27.91
C ASP B 137 -24.48 -12.86 -26.64
N GLN B 138 -24.86 -13.49 -25.52
CA GLN B 138 -24.64 -12.94 -24.18
C GLN B 138 -23.16 -12.64 -23.97
N VAL B 139 -22.34 -13.61 -24.35
CA VAL B 139 -20.88 -13.45 -24.26
C VAL B 139 -20.40 -12.29 -25.14
N ALA B 140 -20.72 -12.39 -26.42
CA ALA B 140 -20.09 -11.54 -27.46
C ALA B 140 -20.39 -10.09 -27.17
N GLN B 141 -21.65 -9.84 -26.89
CA GLN B 141 -22.16 -8.49 -26.57
C GLN B 141 -21.41 -7.93 -25.38
N ALA B 142 -21.28 -8.76 -24.35
CA ALA B 142 -20.58 -8.39 -23.12
C ALA B 142 -19.15 -7.97 -23.43
N LEU B 143 -18.50 -8.78 -24.24
CA LEU B 143 -17.12 -8.56 -24.66
C LEU B 143 -16.99 -7.21 -25.36
N GLN B 144 -17.93 -6.97 -26.26
CA GLN B 144 -17.99 -5.73 -27.04
C GLN B 144 -18.12 -4.54 -26.14
N LYS B 145 -18.98 -4.67 -25.13
CA LYS B 145 -19.23 -3.61 -24.15
C LYS B 145 -17.95 -3.05 -23.57
N GLY B 146 -16.95 -3.91 -23.32
CA GLY B 146 -15.60 -3.46 -22.92
C GLY B 146 -14.70 -3.07 -24.08
N ILE B 147 -14.74 -3.87 -25.12
CA ILE B 147 -13.86 -3.73 -26.29
C ILE B 147 -14.12 -2.41 -27.01
N GLU B 148 -15.32 -2.28 -27.56
CA GLU B 148 -15.87 -0.97 -27.90
C GLU B 148 -16.01 -0.23 -26.59
N ALA B 149 -16.37 -0.99 -25.57
CA ALA B 149 -16.15 -0.58 -24.20
C ALA B 149 -14.83 0.18 -23.96
N PHE B 150 -13.74 -0.20 -24.63
CA PHE B 150 -12.40 0.26 -24.19
C PHE B 150 -11.53 1.25 -25.02
N SER B 151 -11.89 1.57 -26.25
CA SER B 151 -11.01 2.41 -27.09
C SER B 151 -11.69 3.62 -27.68
N ILE B 152 -11.09 4.79 -27.55
CA ILE B 152 -11.59 5.96 -28.26
C ILE B 152 -12.33 6.88 -27.32
N SER B 153 -13.21 6.33 -26.49
CA SER B 153 -13.68 7.09 -25.31
C SER B 153 -14.94 7.96 -25.58
N ALA B 154 -15.14 8.99 -24.75
CA ALA B 154 -16.22 9.99 -24.96
C ALA B 154 -17.64 9.50 -24.57
N ARG B 155 -17.69 8.42 -23.80
CA ARG B 155 -18.96 7.81 -23.40
C ARG B 155 -18.95 7.50 -21.90
N GLN B 156 -17.97 6.69 -21.48
CA GLN B 156 -17.77 6.42 -20.06
C GLN B 156 -16.84 7.45 -19.43
N ALA B 157 -17.40 8.57 -19.00
CA ALA B 157 -16.64 9.59 -18.29
C ALA B 157 -16.85 9.45 -16.78
N THR B 158 -15.87 8.85 -16.11
CA THR B 158 -15.94 8.69 -14.66
C THR B 158 -16.34 10.00 -14.00
N LYS B 159 -17.54 10.01 -13.42
CA LYS B 159 -18.07 11.21 -12.80
C LYS B 159 -17.24 11.52 -11.57
N VAL B 160 -16.90 12.79 -11.38
CA VAL B 160 -16.15 13.20 -10.22
C VAL B 160 -17.06 13.14 -9.01
N LYS B 161 -16.63 12.39 -7.99
CA LYS B 161 -17.45 12.09 -6.82
C LYS B 161 -16.55 11.94 -5.61
N ARG B 162 -16.87 12.68 -4.54
CA ARG B 162 -16.00 12.80 -3.37
C ARG B 162 -16.77 12.80 -2.03
N ASP B 163 -17.77 11.93 -1.92
CA ASP B 163 -18.33 11.58 -0.60
C ASP B 163 -17.24 10.91 0.22
N ILE B 164 -16.13 10.61 -0.46
CA ILE B 164 -14.95 10.06 0.17
C ILE B 164 -14.42 11.03 1.21
N SER B 165 -15.13 12.13 1.38
CA SER B 165 -14.73 13.12 2.34
C SER B 165 -15.16 12.67 3.72
N ALA B 166 -16.42 12.29 3.83
CA ALA B 166 -17.05 11.96 5.09
C ALA B 166 -16.32 10.85 5.80
N PHE B 167 -16.01 9.82 5.03
CA PHE B 167 -15.24 8.65 5.49
C PHE B 167 -13.91 9.11 6.06
N GLN B 168 -13.25 9.99 5.31
CA GLN B 168 -11.96 10.55 5.68
C GLN B 168 -12.04 11.24 7.03
N LYS B 169 -13.08 12.05 7.16
CA LYS B 169 -13.36 12.83 8.37
C LYS B 169 -13.50 11.89 9.55
N VAL B 170 -14.27 10.83 9.34
CA VAL B 170 -14.55 9.83 10.35
C VAL B 170 -13.23 9.20 10.83
N ILE B 171 -12.46 8.75 9.85
CA ILE B 171 -11.22 8.01 10.12
C ILE B 171 -10.26 8.88 10.91
N GLN B 172 -10.14 10.10 10.44
CA GLN B 172 -9.27 11.14 11.04
C GLN B 172 -9.68 11.36 12.49
N ASP B 173 -10.98 11.49 12.70
CA ASP B 173 -11.55 11.70 14.03
C ASP B 173 -11.15 10.56 14.96
N ILE B 174 -11.31 9.35 14.44
CA ILE B 174 -10.99 8.13 15.18
C ILE B 174 -9.53 8.14 15.61
N SER B 175 -8.68 8.49 14.65
CA SER B 175 -7.23 8.57 14.84
C SER B 175 -6.91 9.55 15.96
N LEU B 176 -7.56 10.70 15.89
CA LEU B 176 -7.39 11.77 16.88
C LEU B 176 -7.74 11.27 18.26
N ALA B 177 -8.87 10.57 18.33
CA ALA B 177 -9.38 10.02 19.58
C ALA B 177 -8.37 9.06 20.18
N VAL B 178 -7.81 8.21 19.31
CA VAL B 178 -6.93 7.16 19.74
C VAL B 178 -5.66 7.82 20.26
N ASN B 179 -4.98 8.56 19.40
CA ASN B 179 -3.78 9.27 19.71
C ASN B 179 -3.91 10.18 20.91
N LYS B 180 -5.14 10.56 21.29
CA LYS B 180 -5.39 11.37 22.45
C LYS B 180 -5.26 10.55 23.70
N PHE B 181 -5.85 9.36 23.66
CA PHE B 181 -5.76 8.45 24.83
C PHE B 181 -4.36 7.92 24.94
N ASN B 182 -3.87 7.39 23.82
CA ASN B 182 -2.59 6.71 23.75
C ASN B 182 -1.42 7.60 24.16
N VAL B 183 -1.69 8.89 24.40
CA VAL B 183 -0.68 9.76 24.97
C VAL B 183 -0.80 9.77 26.49
N ASP B 184 -2.04 9.98 26.93
CA ASP B 184 -2.37 10.09 28.35
C ASP B 184 -1.96 8.83 29.08
N ILE B 185 -2.31 7.71 28.49
CA ILE B 185 -2.02 6.38 29.03
C ILE B 185 -0.52 6.21 29.21
N GLU B 186 0.20 6.59 28.16
CA GLU B 186 1.67 6.52 28.13
C GLU B 186 2.26 7.32 29.28
N ARG B 187 1.73 8.53 29.43
CA ARG B 187 2.16 9.46 30.48
C ARG B 187 1.97 8.83 31.86
N TYR B 188 0.77 8.30 32.09
CA TYR B 188 0.26 8.03 33.44
C TYR B 188 1.03 6.93 34.14
N VAL B 189 1.35 7.17 35.41
CA VAL B 189 2.08 6.21 36.23
C VAL B 189 1.19 5.62 37.32
N GLY B 190 0.22 6.41 37.79
CA GLY B 190 -0.74 5.95 38.77
C GLY B 190 -1.60 7.09 39.29
N GLY B 191 -2.16 6.91 40.48
CA GLY B 191 -3.08 7.87 41.05
C GLY B 191 -4.47 7.77 40.44
N ASP B 192 -5.29 8.80 40.64
CA ASP B 192 -6.61 8.87 40.03
C ASP B 192 -6.55 8.56 38.55
N ALA B 193 -7.49 7.75 38.08
CA ALA B 193 -7.47 7.25 36.70
C ALA B 193 -8.67 7.76 35.92
N SER B 194 -9.37 8.73 36.52
CA SER B 194 -10.59 9.31 36.00
C SER B 194 -10.38 9.76 34.55
N HIS B 195 -9.26 10.45 34.35
CA HIS B 195 -8.95 11.12 33.10
C HIS B 195 -8.93 10.12 31.95
N LEU B 196 -8.25 9.01 32.21
CA LEU B 196 -8.12 7.92 31.24
C LEU B 196 -9.49 7.41 30.83
N LEU B 197 -10.31 7.19 31.85
CA LEU B 197 -11.68 6.69 31.66
C LEU B 197 -12.47 7.64 30.78
N ALA B 198 -12.34 8.92 31.08
CA ALA B 198 -13.01 10.00 30.34
C ALA B 198 -12.62 9.95 28.89
N ASP B 199 -11.32 9.82 28.67
CA ASP B 199 -10.73 9.75 27.33
C ASP B 199 -11.33 8.59 26.54
N GLY B 200 -11.38 7.45 27.22
CA GLY B 200 -11.94 6.22 26.66
C GLY B 200 -13.38 6.44 26.21
N ASN B 201 -14.14 7.07 27.10
CA ASN B 201 -15.55 7.38 26.87
C ASN B 201 -15.70 8.24 25.62
N VAL B 202 -14.85 9.26 25.56
CA VAL B 202 -14.83 10.20 24.44
C VAL B 202 -14.59 9.46 23.13
N LEU B 203 -13.61 8.58 23.17
CA LEU B 203 -13.23 7.76 22.01
C LEU B 203 -14.42 6.94 21.53
N ILE B 204 -15.08 6.33 22.50
CA ILE B 204 -16.25 5.49 22.25
C ILE B 204 -17.34 6.30 21.54
N LYS B 205 -17.57 7.49 22.09
CA LYS B 205 -18.56 8.43 21.56
C LYS B 205 -18.25 8.76 20.11
N ALA B 206 -16.98 9.06 19.87
CA ALA B 206 -16.48 9.40 18.53
C ALA B 206 -16.77 8.28 17.57
N THR B 207 -16.46 7.06 18.01
CA THR B 207 -16.66 5.84 17.22
C THR B 207 -18.14 5.71 16.83
N LEU B 208 -18.99 5.92 17.83
CA LEU B 208 -20.44 5.84 17.67
C LEU B 208 -20.90 6.83 16.60
N ASP B 209 -20.38 8.05 16.72
CA ASP B 209 -20.70 9.13 15.80
C ASP B 209 -20.34 8.75 14.38
N GLY B 210 -19.13 8.20 14.25
CA GLY B 210 -18.59 7.75 12.96
C GLY B 210 -19.52 6.72 12.34
N VAL B 211 -19.92 5.77 13.18
CA VAL B 211 -20.82 4.68 12.77
C VAL B 211 -22.13 5.25 12.23
N GLN B 212 -22.66 6.21 12.97
CA GLN B 212 -23.90 6.90 12.62
C GLN B 212 -23.78 7.55 11.25
N SER B 213 -22.67 8.25 11.08
CA SER B 213 -22.36 8.97 9.85
C SER B 213 -22.41 8.09 8.63
N LEU B 214 -21.69 6.98 8.66
CA LEU B 214 -21.60 6.12 7.49
C LEU B 214 -22.76 5.11 7.41
N GLN B 215 -23.90 5.47 7.99
CA GLN B 215 -25.10 4.61 7.96
C GLN B 215 -25.83 4.72 6.63
N ASN B 216 -26.08 5.95 6.18
CA ASN B 216 -26.83 6.20 4.95
C ASN B 216 -25.94 6.42 3.71
N GLU B 217 -24.65 6.66 3.95
CA GLU B 217 -23.66 6.72 2.87
C GLU B 217 -23.65 5.41 2.05
N PRO B 218 -23.28 5.52 0.76
CA PRO B 218 -23.44 4.41 -0.17
C PRO B 218 -22.28 3.42 -0.06
N PRO B 219 -22.27 2.38 -0.91
CA PRO B 219 -21.07 1.56 -0.99
C PRO B 219 -19.94 2.33 -1.65
N LEU B 220 -18.74 1.76 -1.65
CA LEU B 220 -17.59 2.37 -2.32
C LEU B 220 -17.01 1.43 -3.39
N SER B 221 -16.95 1.93 -4.62
CA SER B 221 -16.46 1.14 -5.76
C SER B 221 -14.95 0.99 -5.68
N SER B 222 -14.43 -0.16 -6.13
CA SER B 222 -13.05 -0.56 -5.85
C SER B 222 -12.01 0.53 -6.15
N MET B 223 -12.09 1.10 -7.35
CA MET B 223 -11.19 2.20 -7.74
C MET B 223 -11.56 3.51 -7.03
N GLU B 224 -12.86 3.74 -6.84
CA GLU B 224 -13.35 4.83 -5.98
C GLU B 224 -12.85 4.66 -4.56
N ALA B 225 -12.71 3.40 -4.13
CA ALA B 225 -12.42 3.04 -2.74
C ALA B 225 -10.94 3.07 -2.42
N LEU B 226 -10.11 2.90 -3.45
CA LEU B 226 -8.65 2.95 -3.29
C LEU B 226 -8.15 4.38 -3.17
N ALA B 227 -9.10 5.33 -3.12
CA ALA B 227 -8.80 6.73 -2.88
C ALA B 227 -8.67 7.08 -1.40
N LEU B 228 -9.32 6.30 -0.55
CA LEU B 228 -9.23 6.48 0.90
C LEU B 228 -8.09 5.69 1.52
N VAL B 229 -7.65 4.63 0.85
CA VAL B 229 -6.61 3.77 1.36
C VAL B 229 -5.25 4.04 0.72
N GLY B 230 -5.26 4.43 -0.57
CA GLY B 230 -4.03 4.78 -1.30
C GLY B 230 -4.13 6.11 -2.04
N PRO B 231 -4.42 7.19 -1.29
CA PRO B 231 -4.79 8.49 -1.85
C PRO B 231 -3.71 9.01 -2.79
N VAL B 232 -2.47 8.85 -2.38
CA VAL B 232 -1.30 9.26 -3.14
C VAL B 232 -1.32 8.64 -4.54
N GLN B 233 -1.80 7.39 -4.61
CA GLN B 233 -1.69 6.56 -5.80
C GLN B 233 -2.84 6.79 -6.75
N ASP B 234 -4.05 6.93 -6.19
CA ASP B 234 -5.25 7.23 -6.96
C ASP B 234 -5.07 8.51 -7.74
N LEU B 235 -4.58 9.52 -7.04
CA LEU B 235 -4.34 10.85 -7.62
C LEU B 235 -3.40 10.75 -8.79
N SER B 236 -2.32 9.99 -8.58
CA SER B 236 -1.28 9.77 -9.59
C SER B 236 -1.90 9.15 -10.84
N ASN B 237 -2.70 8.12 -10.59
CA ASN B 237 -3.29 7.33 -11.68
C ASN B 237 -4.23 8.22 -12.47
N GLN B 238 -5.08 8.91 -11.75
CA GLN B 238 -6.08 9.81 -12.35
C GLN B 238 -5.39 10.89 -13.15
N ILE B 239 -4.27 11.43 -12.66
CA ILE B 239 -3.45 12.38 -13.37
C ILE B 239 -2.97 11.82 -14.70
N LEU B 240 -2.37 10.63 -14.63
CA LEU B 240 -1.83 9.95 -15.78
C LEU B 240 -2.88 9.74 -16.86
N LEU B 241 -4.02 9.26 -16.40
CA LEU B 241 -5.20 8.99 -17.22
C LEU B 241 -5.63 10.24 -17.93
N ALA B 242 -5.70 11.33 -17.17
CA ALA B 242 -6.11 12.64 -17.67
C ALA B 242 -5.17 13.07 -18.79
N ILE B 243 -3.89 12.92 -18.52
CA ILE B 243 -2.83 13.28 -19.48
C ILE B 243 -3.03 12.51 -20.79
N GLN B 244 -3.27 11.21 -20.63
CA GLN B 244 -3.49 10.30 -21.77
C GLN B 244 -4.67 10.78 -22.60
N ASN B 245 -5.74 11.11 -21.91
CA ASN B 245 -6.98 11.60 -22.52
C ASN B 245 -6.70 12.84 -23.34
N LEU B 246 -5.96 13.75 -22.73
CA LEU B 246 -5.57 15.03 -23.36
C LEU B 246 -4.81 14.76 -24.65
N ILE B 247 -3.86 13.84 -24.56
CA ILE B 247 -3.02 13.43 -25.69
C ILE B 247 -3.89 12.92 -26.83
N ASP B 248 -4.83 12.07 -26.46
CA ASP B 248 -5.78 11.47 -27.40
C ASP B 248 -6.55 12.55 -28.15
N LYS B 249 -7.03 13.55 -27.42
CA LYS B 249 -7.85 14.60 -28.02
C LYS B 249 -7.03 15.81 -28.50
N LYS B 250 -5.78 15.55 -28.91
CA LYS B 250 -4.98 16.55 -29.59
C LYS B 250 -5.47 16.78 -31.02
N GLU B 251 -5.58 15.70 -31.78
CA GLU B 251 -6.01 15.76 -33.19
C GLU B 251 -7.16 16.74 -33.48
N PRO B 252 -8.28 16.62 -32.74
CA PRO B 252 -9.46 17.44 -33.05
C PRO B 252 -9.46 18.79 -32.33
N LEU B 253 -8.44 19.03 -31.50
CA LEU B 253 -8.20 20.36 -30.93
C LEU B 253 -7.20 21.13 -31.79
N VAL B 254 -6.29 20.37 -32.42
CA VAL B 254 -5.51 20.87 -33.54
C VAL B 254 -6.42 21.17 -34.73
N GLN B 255 -7.45 20.34 -34.92
CA GLN B 255 -8.43 20.56 -35.97
C GLN B 255 -9.22 21.84 -35.74
N ALA B 256 -9.63 22.06 -34.49
CA ALA B 256 -10.32 23.29 -34.10
C ALA B 256 -9.34 24.46 -33.96
N GLY B 257 -8.06 24.14 -33.85
CA GLY B 257 -7.00 25.14 -33.94
C GLY B 257 -6.73 25.86 -32.63
N PHE B 258 -6.75 25.12 -31.53
CA PHE B 258 -6.36 25.66 -30.23
C PHE B 258 -4.91 25.30 -29.88
N GLY B 259 -4.19 24.77 -30.85
CA GLY B 259 -3.03 23.93 -30.57
C GLY B 259 -1.99 24.70 -29.78
N GLY B 260 -1.73 25.92 -30.23
CA GLY B 260 -0.76 26.81 -29.59
C GLY B 260 -1.13 27.05 -28.14
N LYS B 261 -2.41 27.35 -27.95
CA LYS B 261 -2.97 27.61 -26.62
C LYS B 261 -2.74 26.41 -25.71
N VAL B 262 -3.03 25.23 -26.25
CA VAL B 262 -2.89 23.97 -25.54
C VAL B 262 -1.44 23.79 -25.09
N GLU B 263 -0.54 24.05 -26.03
CA GLU B 263 0.89 23.75 -25.83
C GLU B 263 1.43 24.54 -24.65
N ASN B 264 1.10 25.82 -24.66
CA ASN B 264 1.53 26.75 -23.61
C ASN B 264 1.05 26.28 -22.25
N ASN B 265 -0.23 25.89 -22.23
CA ASN B 265 -0.87 25.39 -21.02
C ASN B 265 -0.13 24.19 -20.47
N LEU B 266 0.18 23.28 -21.39
CA LEU B 266 0.90 22.03 -21.08
C LEU B 266 2.24 22.36 -20.45
N ARG B 267 2.93 23.30 -21.07
CA ARG B 267 4.25 23.74 -20.61
C ARG B 267 4.16 24.26 -19.18
N GLN B 268 3.15 25.09 -18.96
CA GLN B 268 2.88 25.69 -17.65
C GLN B 268 2.69 24.60 -16.61
N GLN B 269 1.87 23.63 -16.97
CA GLN B 269 1.55 22.49 -16.11
C GLN B 269 2.82 21.75 -15.73
N GLU B 270 3.65 21.51 -16.73
CA GLU B 270 4.94 20.82 -16.57
C GLU B 270 5.80 21.56 -15.56
N GLU B 271 5.86 22.87 -15.75
CA GLU B 271 6.65 23.77 -14.88
C GLU B 271 6.19 23.63 -13.44
N ALA B 272 4.86 23.67 -13.29
CA ALA B 272 4.21 23.56 -11.98
C ALA B 272 4.61 22.26 -11.30
N ALA B 273 4.53 21.20 -12.08
CA ALA B 273 4.88 19.84 -11.63
C ALA B 273 6.29 19.80 -11.12
N GLN B 274 7.19 20.39 -11.91
CA GLN B 274 8.62 20.47 -11.59
C GLN B 274 8.82 21.16 -10.25
N LYS B 275 8.12 22.28 -10.11
CA LYS B 275 8.19 23.10 -8.90
C LYS B 275 7.77 22.28 -7.68
N LEU B 276 6.67 21.56 -7.86
CA LEU B 276 6.04 20.86 -6.75
C LEU B 276 6.95 19.71 -6.35
N SER B 277 7.29 18.89 -7.32
CA SER B 277 8.07 17.69 -7.15
C SER B 277 9.38 17.97 -6.46
N GLU B 278 9.94 19.16 -6.66
CA GLU B 278 11.19 19.53 -5.99
C GLU B 278 10.93 19.66 -4.51
N LEU B 279 9.89 20.42 -4.19
CA LEU B 279 9.50 20.70 -2.81
C LEU B 279 9.22 19.39 -2.07
N VAL B 280 8.48 18.52 -2.74
CA VAL B 280 8.10 17.21 -2.24
C VAL B 280 9.35 16.41 -1.88
N SER B 281 10.31 16.43 -2.79
CA SER B 281 11.59 15.75 -2.59
C SER B 281 12.29 16.21 -1.35
N THR B 282 11.96 17.39 -0.82
CA THR B 282 12.55 17.87 0.44
C THR B 282 11.86 17.26 1.66
N LYS B 283 10.57 16.96 1.53
CA LYS B 283 9.72 16.58 2.67
C LYS B 283 9.60 15.06 2.89
N VAL B 284 10.11 14.28 1.94
CA VAL B 284 10.15 12.81 2.06
C VAL B 284 11.18 12.37 3.11
N PRO B 285 11.07 11.12 3.55
CA PRO B 285 11.97 10.57 4.58
C PRO B 285 13.07 9.57 4.10
N HIS B 286 13.53 8.71 5.02
CA HIS B 286 14.56 7.71 4.70
C HIS B 286 14.05 6.94 3.50
N GLU B 287 12.87 6.35 3.67
CA GLU B 287 12.50 5.13 2.99
C GLU B 287 11.64 5.41 1.77
N LEU B 288 10.86 6.49 1.84
CA LEU B 288 9.84 6.78 0.83
C LEU B 288 10.38 7.54 -0.38
N ALA B 289 11.55 8.15 -0.23
CA ALA B 289 12.16 8.99 -1.27
C ALA B 289 12.03 8.30 -2.63
N ASP B 290 12.38 7.02 -2.62
CA ASP B 290 12.53 6.24 -3.84
C ASP B 290 11.22 6.21 -4.62
N ILE B 291 10.16 5.94 -3.89
CA ILE B 291 8.79 5.86 -4.42
C ILE B 291 8.33 7.22 -4.94
N SER B 292 8.63 8.24 -4.14
CA SER B 292 8.29 9.63 -4.46
C SER B 292 8.87 10.05 -5.79
N ARG B 293 10.14 9.70 -5.96
CA ARG B 293 10.86 9.88 -7.24
C ARG B 293 10.10 9.12 -8.34
N GLN B 294 9.73 7.88 -8.02
CA GLN B 294 9.17 6.97 -9.00
C GLN B 294 7.89 7.50 -9.59
N LEU B 295 7.05 8.11 -8.73
CA LEU B 295 5.79 8.70 -9.16
C LEU B 295 6.08 10.01 -9.90
N SER B 296 6.91 10.83 -9.26
CA SER B 296 7.15 12.19 -9.73
C SER B 296 7.73 12.18 -11.13
N ASP B 297 8.72 11.32 -11.28
CA ASP B 297 9.44 11.13 -12.55
C ASP B 297 8.45 10.72 -13.64
N GLY B 298 7.59 9.77 -13.29
CA GLY B 298 6.57 9.25 -14.20
C GLY B 298 5.66 10.37 -14.67
N ILE B 299 5.25 11.21 -13.72
CA ILE B 299 4.37 12.33 -13.96
C ILE B 299 5.04 13.29 -14.96
N ALA B 300 6.28 13.65 -14.63
CA ALA B 300 7.00 14.67 -15.41
C ALA B 300 7.19 14.17 -16.84
N ALA B 301 7.63 12.95 -16.93
CA ALA B 301 7.89 12.25 -18.20
C ALA B 301 6.59 12.13 -18.96
N GLY B 302 5.49 11.82 -18.28
CA GLY B 302 4.17 11.72 -18.89
C GLY B 302 3.80 13.04 -19.56
N ILE B 303 4.04 14.13 -18.82
CA ILE B 303 3.75 15.47 -19.29
C ILE B 303 4.51 15.75 -20.61
N LYS B 304 5.78 15.38 -20.59
CA LYS B 304 6.73 15.67 -21.62
C LYS B 304 6.26 15.17 -22.97
N LYS B 305 5.80 13.94 -22.96
CA LYS B 305 5.31 13.27 -24.19
C LYS B 305 4.17 14.05 -24.78
N GLY B 306 3.24 14.43 -23.89
CA GLY B 306 2.03 15.18 -24.29
C GLY B 306 2.45 16.49 -24.93
N ILE B 307 3.41 17.16 -24.28
CA ILE B 307 3.94 18.44 -24.74
C ILE B 307 4.50 18.30 -26.16
N ASP B 308 5.27 17.24 -26.33
CA ASP B 308 5.92 16.92 -27.61
C ASP B 308 4.86 16.76 -28.70
N ALA B 309 3.83 16.01 -28.34
CA ALA B 309 2.70 15.74 -29.23
C ALA B 309 2.05 17.03 -29.71
N PHE B 310 1.81 17.98 -28.79
CA PHE B 310 0.95 19.14 -29.08
C PHE B 310 1.69 20.45 -29.39
N ALA B 311 3.02 20.43 -29.29
CA ALA B 311 3.86 21.60 -29.57
C ALA B 311 3.90 21.93 -31.05
N GLY B 312 3.51 23.17 -31.38
CA GLY B 312 3.52 23.65 -32.76
C GLY B 312 2.58 22.89 -33.66
N THR B 313 1.41 22.52 -33.11
CA THR B 313 0.42 21.75 -33.84
C THR B 313 -0.99 22.06 -33.35
#